data_8P59
#
_entry.id   8P59
#
_cell.length_a   40.824
_cell.length_b   59.087
_cell.length_c   65.929
_cell.angle_alpha   90.000
_cell.angle_beta   97.418
_cell.angle_gamma   90.000
#
_symmetry.space_group_name_H-M   'P 1 21 1'
#
loop_
_entity.id
_entity.type
_entity.pdbx_description
1 polymer 'Chemotaxis protein CheA'
2 non-polymer 7-(2-phenylethoxy)quinazolin-2-amine
3 water water
#
_entity_poly.entity_id   1
_entity_poly.type   'polypeptide(L)'
_entity_poly.pdbx_seq_one_letter_code
;GSHMVPISFVFNRFPRMVRDLAKKMNKEVNFIMRGEDTELDRTFVEEIGEPLLHLLRNAIDHGIEPKEERIAKGKPPIGT
LILSARHEGNNVVIEVEDDGRGIDKEKIIRKAIEKGLIDESKAATLSDQEILNFLFVPGFSTKEKVSEVSGRGVGMDVVK
NVVESLNGSISIESEKDKGTKVTIRLPLT
;
_entity_poly.pdbx_strand_id   A,B
#
loop_
_chem_comp.id
_chem_comp.type
_chem_comp.name
_chem_comp.formula
WZF non-polymer 7-(2-phenylethoxy)quinazolin-2-amine 'C16 H15 N3 O'
#
# COMPACT_ATOMS: atom_id res chain seq x y z
N VAL A 5 10.19 24.66 13.69
CA VAL A 5 11.16 25.36 12.85
C VAL A 5 11.81 24.40 11.83
N PRO A 6 13.02 24.71 11.34
CA PRO A 6 13.69 23.86 10.34
C PRO A 6 14.12 22.55 10.96
N ILE A 7 13.98 21.48 10.17
CA ILE A 7 14.28 20.12 10.64
C ILE A 7 15.79 19.89 10.77
N SER A 8 16.56 20.79 10.17
CA SER A 8 18.02 20.82 10.33
C SER A 8 18.39 20.73 11.82
N PHE A 9 17.51 21.18 12.71
CA PHE A 9 17.80 21.14 14.13
C PHE A 9 18.03 19.70 14.58
N VAL A 10 17.26 18.76 14.02
CA VAL A 10 17.42 17.34 14.21
C VAL A 10 18.51 16.81 13.26
N PHE A 11 18.41 17.14 11.97
CA PHE A 11 19.21 16.43 10.97
C PHE A 11 20.71 16.66 11.19
N ASN A 12 21.07 17.82 11.78
CA ASN A 12 22.48 18.22 11.91
C ASN A 12 23.26 17.34 12.86
N ARG A 13 22.58 16.61 13.71
CA ARG A 13 23.17 15.70 14.66
C ARG A 13 23.67 14.45 13.96
N PHE A 14 23.08 14.12 12.80
CA PHE A 14 23.20 12.77 12.28
C PHE A 14 24.51 12.48 11.55
N PRO A 15 25.08 13.38 10.73
CA PRO A 15 26.26 12.98 9.96
C PRO A 15 27.36 12.31 10.79
N ARG A 16 27.68 12.90 11.95
CA ARG A 16 28.74 12.34 12.79
C ARG A 16 28.33 10.98 13.38
N MET A 17 27.05 10.82 13.76
CA MET A 17 26.52 9.55 14.24
C MET A 17 26.62 8.44 13.21
N VAL A 18 26.24 8.77 11.97
CA VAL A 18 26.22 7.86 10.87
C VAL A 18 27.66 7.44 10.54
N ARG A 19 28.56 8.41 10.49
CA ARG A 19 29.93 8.16 10.12
C ARG A 19 30.64 7.29 11.15
N ASP A 20 30.34 7.57 12.42
CA ASP A 20 30.92 6.82 13.53
C ASP A 20 30.46 5.39 13.42
N LEU A 21 29.16 5.17 13.22
CA LEU A 21 28.67 3.81 13.19
C LEU A 21 29.18 3.02 11.99
N ALA A 22 29.21 3.69 10.81
CA ALA A 22 29.65 3.00 9.61
C ALA A 22 31.11 2.52 9.76
N LYS A 23 31.96 3.39 10.27
CA LYS A 23 33.38 3.13 10.49
C LYS A 23 33.57 1.84 11.32
N LYS A 24 32.91 1.82 12.48
CA LYS A 24 32.97 0.72 13.42
C LYS A 24 32.60 -0.61 12.73
N MET A 25 31.72 -0.57 11.72
CA MET A 25 31.23 -1.82 11.15
C MET A 25 31.85 -2.14 9.78
N ASN A 26 32.92 -1.44 9.44
CA ASN A 26 33.63 -1.65 8.18
C ASN A 26 32.72 -1.48 6.98
N LYS A 27 32.02 -0.32 7.07
CA LYS A 27 31.15 0.14 6.01
C LYS A 27 31.57 1.51 5.53
N GLU A 28 31.46 1.71 4.20
CA GLU A 28 31.61 3.02 3.64
C GLU A 28 30.24 3.52 3.28
N VAL A 29 29.85 4.65 3.88
CA VAL A 29 28.48 5.10 3.68
C VAL A 29 28.50 6.56 3.25
N ASN A 30 27.96 6.80 2.09
CA ASN A 30 27.70 8.13 1.59
C ASN A 30 26.35 8.52 2.18
N PHE A 31 26.36 9.49 3.13
CA PHE A 31 25.14 9.88 3.80
C PHE A 31 24.72 11.21 3.24
N ILE A 32 23.55 11.26 2.66
CA ILE A 32 23.06 12.42 1.95
C ILE A 32 21.82 12.93 2.66
N MET A 33 21.82 14.22 3.01
CA MET A 33 20.65 14.78 3.67
C MET A 33 20.04 15.79 2.71
N ARG A 34 18.74 15.71 2.51
CA ARG A 34 18.06 16.60 1.59
C ARG A 34 16.88 17.29 2.31
N GLY A 35 16.61 18.55 1.93
CA GLY A 35 15.47 19.27 2.49
C GLY A 35 15.65 19.63 3.95
N GLU A 36 16.89 19.82 4.44
CA GLU A 36 17.09 20.07 5.86
C GLU A 36 16.45 21.39 6.27
N ASP A 37 16.17 22.27 5.30
CA ASP A 37 15.56 23.53 5.66
C ASP A 37 14.03 23.45 5.85
N THR A 38 13.46 22.29 5.58
CA THR A 38 12.02 22.07 5.70
C THR A 38 11.53 22.45 7.09
N GLU A 39 10.55 23.34 7.15
CA GLU A 39 10.04 23.81 8.44
C GLU A 39 8.82 23.01 8.83
N LEU A 40 8.72 22.65 10.12
CA LEU A 40 7.46 22.13 10.61
C LEU A 40 7.40 22.46 12.10
N ASP A 41 6.29 22.09 12.72
CA ASP A 41 6.05 22.49 14.08
C ASP A 41 7.16 22.01 14.97
N ARG A 42 7.56 22.86 15.94
CA ARG A 42 8.68 22.55 16.81
C ARG A 42 8.40 21.29 17.62
N THR A 43 7.13 20.92 17.90
CA THR A 43 6.90 19.69 18.64
C THR A 43 7.44 18.50 17.85
N PHE A 44 7.22 18.53 16.56
CA PHE A 44 7.68 17.44 15.73
C PHE A 44 9.17 17.41 15.66
N VAL A 45 9.81 18.56 15.50
CA VAL A 45 11.26 18.63 15.52
C VAL A 45 11.82 18.06 16.84
N GLU A 46 11.12 18.32 17.92
CA GLU A 46 11.63 17.99 19.23
C GLU A 46 11.51 16.48 19.44
N GLU A 47 10.60 15.80 18.69
CA GLU A 47 10.27 14.42 19.04
C GLU A 47 10.70 13.42 17.98
N ILE A 48 10.93 13.89 16.73
CA ILE A 48 11.12 12.94 15.64
C ILE A 48 12.55 12.41 15.63
N GLY A 49 13.45 13.06 16.37
CA GLY A 49 14.86 12.69 16.35
C GLY A 49 15.17 11.25 16.73
N GLU A 50 14.63 10.85 17.85
CA GLU A 50 14.92 9.51 18.35
C GLU A 50 14.39 8.44 17.38
N PRO A 51 13.14 8.51 16.88
CA PRO A 51 12.70 7.60 15.83
C PRO A 51 13.61 7.57 14.59
N LEU A 52 13.98 8.74 14.08
CA LEU A 52 14.86 8.78 12.91
C LEU A 52 16.20 8.13 13.22
N LEU A 53 16.74 8.36 14.41
CA LEU A 53 18.03 7.74 14.74
C LEU A 53 17.92 6.24 14.68
N HIS A 54 16.80 5.66 15.13
CA HIS A 54 16.63 4.22 15.03
C HIS A 54 16.62 3.78 13.57
N LEU A 55 15.92 4.50 12.67
CA LEU A 55 15.88 4.10 11.29
C LEU A 55 17.25 4.20 10.62
N LEU A 56 18.01 5.25 10.98
CA LEU A 56 19.32 5.44 10.40
C LEU A 56 20.23 4.30 10.86
N ARG A 57 20.19 4.02 12.17
CA ARG A 57 20.97 2.93 12.72
C ARG A 57 20.57 1.61 12.09
N ASN A 58 19.29 1.37 11.94
CA ASN A 58 18.89 0.15 11.24
C ASN A 58 19.53 0.07 9.84
N ALA A 59 19.46 1.13 9.09
CA ALA A 59 20.00 1.11 7.73
C ALA A 59 21.48 0.84 7.71
N ILE A 60 22.23 1.38 8.62
CA ILE A 60 23.68 1.21 8.63
C ILE A 60 24.03 -0.20 9.10
N ASP A 61 23.34 -0.64 10.14
CA ASP A 61 23.63 -1.90 10.79
C ASP A 61 23.09 -3.07 9.98
N HIS A 62 21.79 -3.06 9.69
CA HIS A 62 21.13 -4.20 9.08
C HIS A 62 21.01 -4.07 7.57
N GLY A 63 21.09 -2.84 7.04
CA GLY A 63 20.80 -2.59 5.64
C GLY A 63 22.06 -2.62 4.77
N ILE A 64 22.84 -1.54 4.84
CA ILE A 64 24.09 -1.44 4.12
C ILE A 64 24.98 -2.60 4.54
N GLU A 65 25.51 -3.30 3.55
CA GLU A 65 26.34 -4.48 3.78
C GLU A 65 27.77 -4.01 3.92
N PRO A 66 28.59 -4.81 4.57
CA PRO A 66 30.04 -4.56 4.65
C PRO A 66 30.59 -4.45 3.25
N LYS A 67 31.62 -3.64 3.12
CA LYS A 67 32.19 -3.44 1.79
C LYS A 67 32.50 -4.76 1.06
N GLU A 68 33.04 -5.76 1.79
CA GLU A 68 33.47 -6.99 1.15
C GLU A 68 32.25 -7.67 0.52
N GLU A 69 31.11 -7.60 1.22
CA GLU A 69 29.89 -8.28 0.86
C GLU A 69 29.28 -7.53 -0.32
N ARG A 70 29.29 -6.20 -0.28
CA ARG A 70 28.86 -5.41 -1.44
C ARG A 70 29.62 -5.80 -2.72
N ILE A 71 30.95 -5.88 -2.61
CA ILE A 71 31.78 -6.24 -3.75
C ILE A 71 31.39 -7.63 -4.19
N ALA A 72 31.24 -8.54 -3.23
CA ALA A 72 30.97 -9.92 -3.55
C ALA A 72 29.66 -10.06 -4.31
N LYS A 73 28.70 -9.20 -4.02
CA LYS A 73 27.38 -9.18 -4.61
C LYS A 73 27.33 -8.28 -5.84
N GLY A 74 28.43 -7.67 -6.20
CA GLY A 74 28.50 -6.86 -7.41
C GLY A 74 27.76 -5.52 -7.23
N LYS A 75 27.75 -5.01 -6.01
CA LYS A 75 27.21 -3.70 -5.68
C LYS A 75 28.34 -2.70 -5.57
N PRO A 76 28.07 -1.37 -5.68
CA PRO A 76 29.12 -0.37 -5.45
C PRO A 76 29.64 -0.50 -4.03
N PRO A 77 30.97 -0.45 -3.79
CA PRO A 77 31.48 -0.69 -2.45
C PRO A 77 30.94 0.31 -1.45
N ILE A 78 30.64 1.52 -1.92
CA ILE A 78 30.13 2.54 -1.07
C ILE A 78 28.63 2.39 -1.00
N GLY A 79 28.05 2.32 0.17
CA GLY A 79 26.59 2.31 0.26
C GLY A 79 26.10 3.74 0.32
N THR A 80 24.79 3.92 0.09
CA THR A 80 24.17 5.22 0.10
C THR A 80 23.03 5.19 1.11
N LEU A 81 23.00 6.21 1.94
CA LEU A 81 21.94 6.38 2.92
C LEU A 81 21.41 7.81 2.71
N ILE A 82 20.12 7.97 2.40
CA ILE A 82 19.55 9.28 2.13
C ILE A 82 18.49 9.54 3.18
N LEU A 83 18.59 10.72 3.80
CA LEU A 83 17.60 11.21 4.72
C LEU A 83 17.04 12.48 4.10
N SER A 84 15.75 12.54 3.88
CA SER A 84 15.16 13.66 3.15
C SER A 84 13.90 14.11 3.91
N ALA A 85 13.63 15.43 3.86
CA ALA A 85 12.33 15.96 4.24
C ALA A 85 11.84 16.88 3.11
N ARG A 86 10.53 16.90 2.91
CA ARG A 86 9.93 17.74 1.89
C ARG A 86 8.51 18.04 2.31
N HIS A 87 7.97 19.12 1.74
CA HIS A 87 6.55 19.41 1.90
C HIS A 87 5.79 18.62 0.85
N GLU A 88 4.67 18.06 1.25
CA GLU A 88 3.66 17.55 0.33
C GLU A 88 2.32 18.07 0.82
N GLY A 89 1.84 19.14 0.18
CA GLY A 89 0.65 19.81 0.68
C GLY A 89 0.85 20.33 2.09
N ASN A 90 -0.02 19.95 3.02
CA ASN A 90 0.07 20.51 4.34
C ASN A 90 0.75 19.46 5.24
N ASN A 91 1.31 18.38 4.63
CA ASN A 91 2.12 17.40 5.36
C ASN A 91 3.61 17.55 5.06
N VAL A 92 4.43 17.03 5.96
CA VAL A 92 5.83 16.90 5.68
C VAL A 92 6.14 15.41 5.58
N VAL A 93 6.94 15.08 4.58
CA VAL A 93 7.28 13.68 4.33
C VAL A 93 8.78 13.50 4.58
N ILE A 94 9.12 12.56 5.45
CA ILE A 94 10.51 12.32 5.84
C ILE A 94 10.80 10.91 5.39
N GLU A 95 11.88 10.75 4.63
CA GLU A 95 12.20 9.44 4.10
C GLU A 95 13.61 9.06 4.52
N VAL A 96 13.80 7.77 4.81
CA VAL A 96 15.11 7.22 5.11
C VAL A 96 15.31 6.07 4.15
N GLU A 97 16.24 6.20 3.22
CA GLU A 97 16.38 5.25 2.14
C GLU A 97 17.83 4.74 2.13
N ASP A 98 17.99 3.41 1.96
CA ASP A 98 19.35 2.91 1.84
C ASP A 98 19.36 1.97 0.62
N ASP A 99 20.54 1.68 0.08
CA ASP A 99 20.68 0.73 -1.01
C ASP A 99 21.30 -0.59 -0.50
N GLY A 100 20.85 -1.00 0.68
CA GLY A 100 21.41 -2.18 1.32
C GLY A 100 20.70 -3.45 0.92
N ARG A 101 20.76 -4.42 1.84
CA ARG A 101 20.39 -5.78 1.55
C ARG A 101 18.88 -5.95 1.51
N GLY A 102 18.14 -4.95 2.01
CA GLY A 102 16.69 -5.00 1.99
C GLY A 102 16.20 -5.87 3.16
N ILE A 103 14.90 -5.81 3.38
CA ILE A 103 14.28 -6.54 4.46
C ILE A 103 13.87 -7.86 3.84
N ASP A 104 14.07 -8.97 4.56
CA ASP A 104 13.78 -10.29 4.03
C ASP A 104 12.30 -10.57 4.35
N LYS A 105 11.44 -10.38 3.37
CA LYS A 105 10.00 -10.52 3.58
C LYS A 105 9.64 -11.98 3.92
N GLU A 106 10.43 -12.89 3.37
CA GLU A 106 10.19 -14.32 3.63
C GLU A 106 10.46 -14.62 5.09
N LYS A 107 11.50 -14.01 5.65
CA LYS A 107 11.85 -14.21 7.02
C LYS A 107 10.72 -13.64 7.88
N ILE A 108 10.14 -12.52 7.45
CA ILE A 108 9.05 -11.95 8.26
C ILE A 108 7.88 -12.93 8.29
N ILE A 109 7.48 -13.41 7.12
CA ILE A 109 6.37 -14.37 7.06
C ILE A 109 6.66 -15.61 7.92
N ARG A 110 7.86 -16.19 7.83
CA ARG A 110 8.23 -17.36 8.61
C ARG A 110 8.12 -17.08 10.10
N LYS A 111 8.57 -15.91 10.54
CA LYS A 111 8.44 -15.57 11.95
C LYS A 111 7.00 -15.35 12.37
N ALA A 112 6.18 -14.65 11.54
CA ALA A 112 4.78 -14.45 11.86
C ALA A 112 4.06 -15.77 11.98
N ILE A 113 4.41 -16.74 11.13
CA ILE A 113 3.78 -18.05 11.29
C ILE A 113 4.24 -18.70 12.59
N GLU A 114 5.53 -18.61 12.88
CA GLU A 114 6.13 -19.24 14.05
C GLU A 114 5.47 -18.65 15.29
N LYS A 115 5.20 -17.37 15.27
CA LYS A 115 4.62 -16.66 16.41
C LYS A 115 3.12 -16.73 16.49
N GLY A 116 2.48 -17.41 15.53
CA GLY A 116 1.08 -17.68 15.51
C GLY A 116 0.31 -16.42 15.12
N LEU A 117 0.96 -15.46 14.46
CA LEU A 117 0.30 -14.22 14.07
C LEU A 117 -0.47 -14.42 12.77
N ILE A 118 -0.09 -15.40 11.94
CA ILE A 118 -0.82 -15.74 10.74
C ILE A 118 -0.62 -17.22 10.46
N ASP A 119 -1.54 -17.79 9.70
CA ASP A 119 -1.53 -19.16 9.27
C ASP A 119 -0.79 -19.21 7.95
N GLU A 120 -0.19 -20.35 7.68
CA GLU A 120 0.61 -20.50 6.46
C GLU A 120 -0.28 -20.28 5.24
N SER A 121 -1.56 -20.64 5.39
CA SER A 121 -2.47 -20.66 4.25
C SER A 121 -2.66 -19.25 3.70
N LYS A 122 -2.47 -18.24 4.55
CA LYS A 122 -2.65 -16.85 4.16
C LYS A 122 -1.36 -16.23 3.62
N ALA A 123 -0.23 -16.91 3.67
CA ALA A 123 1.03 -16.24 3.37
C ALA A 123 1.13 -15.89 1.89
N ALA A 124 0.60 -16.78 1.01
CA ALA A 124 0.89 -16.65 -0.43
C ALA A 124 0.35 -15.33 -0.97
N THR A 125 -0.74 -14.77 -0.41
CA THR A 125 -1.33 -13.56 -0.99
C THR A 125 -1.26 -12.30 -0.11
N LEU A 126 -0.48 -12.38 0.98
CA LEU A 126 -0.31 -11.25 1.88
C LEU A 126 0.23 -10.08 1.09
N SER A 127 -0.26 -8.88 1.32
CA SER A 127 0.36 -7.76 0.63
C SER A 127 1.73 -7.44 1.20
N ASP A 128 2.55 -6.73 0.42
CA ASP A 128 3.86 -6.32 0.89
C ASP A 128 3.71 -5.41 2.09
N GLN A 129 2.74 -4.48 2.08
CA GLN A 129 2.54 -3.63 3.26
C GLN A 129 2.17 -4.45 4.46
N GLU A 130 1.27 -5.43 4.33
CA GLU A 130 0.87 -6.27 5.46
C GLU A 130 2.06 -7.07 6.02
N ILE A 131 2.97 -7.52 5.14
CA ILE A 131 4.15 -8.23 5.60
C ILE A 131 5.06 -7.28 6.38
N LEU A 132 5.35 -6.11 5.78
CA LEU A 132 6.40 -5.27 6.36
C LEU A 132 5.87 -4.66 7.64
N ASN A 133 4.55 -4.57 7.77
CA ASN A 133 3.97 -3.99 8.97
C ASN A 133 4.13 -4.89 10.22
N PHE A 134 4.47 -6.16 10.03
CA PHE A 134 4.80 -6.96 11.18
C PHE A 134 6.01 -6.40 11.92
N LEU A 135 6.87 -5.62 11.24
CA LEU A 135 8.05 -5.08 11.88
C LEU A 135 7.69 -4.15 13.02
N PHE A 136 6.48 -3.63 12.99
CA PHE A 136 6.04 -2.69 14.01
C PHE A 136 5.40 -3.40 15.20
N VAL A 137 5.18 -4.71 15.11
CA VAL A 137 4.58 -5.47 16.21
C VAL A 137 5.59 -5.57 17.34
N PRO A 138 5.23 -5.21 18.59
CA PRO A 138 6.16 -5.32 19.70
C PRO A 138 6.76 -6.72 19.81
N GLY A 139 8.06 -6.77 19.96
CA GLY A 139 8.73 -8.03 20.22
C GLY A 139 8.97 -8.81 18.96
N PHE A 140 8.69 -8.20 17.81
CA PHE A 140 8.88 -8.94 16.57
C PHE A 140 10.38 -8.95 16.28
N VAL A 154 13.36 3.17 20.99
CA VAL A 154 14.49 2.49 20.32
C VAL A 154 14.02 1.34 19.41
N GLY A 155 12.93 0.63 19.73
CA GLY A 155 12.39 -0.42 18.87
C GLY A 155 11.55 0.10 17.69
N MET A 156 11.36 -0.69 16.65
CA MET A 156 10.56 -0.28 15.51
C MET A 156 9.09 -0.01 15.90
N ASP A 157 8.58 -0.77 16.90
CA ASP A 157 7.25 -0.54 17.42
C ASP A 157 7.14 0.90 17.96
N VAL A 158 8.19 1.32 18.66
CA VAL A 158 8.20 2.62 19.34
C VAL A 158 8.33 3.70 18.29
N VAL A 159 9.03 3.43 17.20
CA VAL A 159 9.07 4.37 16.08
C VAL A 159 7.66 4.68 15.59
N LYS A 160 6.87 3.63 15.34
CA LYS A 160 5.50 3.86 14.93
C LYS A 160 4.65 4.51 16.00
N ASN A 161 4.87 4.18 17.29
CA ASN A 161 4.07 4.76 18.36
C ASN A 161 4.32 6.26 18.47
N VAL A 162 5.57 6.68 18.28
CA VAL A 162 5.87 8.10 18.34
C VAL A 162 5.26 8.81 17.14
N VAL A 163 5.43 8.22 15.95
CA VAL A 163 4.89 8.88 14.77
C VAL A 163 3.37 9.05 14.90
N GLU A 164 2.71 8.01 15.37
CA GLU A 164 1.27 8.07 15.51
C GLU A 164 0.83 8.99 16.65
N SER A 165 1.63 9.15 17.72
CA SER A 165 1.38 10.17 18.72
C SER A 165 1.41 11.57 18.15
N LEU A 166 2.14 11.74 17.06
CA LEU A 166 2.27 13.03 16.39
C LEU A 166 1.24 13.17 15.29
N ASN A 167 0.30 12.24 15.22
CA ASN A 167 -0.75 12.24 14.20
C ASN A 167 -0.12 12.00 12.83
N GLY A 168 0.98 11.27 12.79
CA GLY A 168 1.64 10.89 11.56
C GLY A 168 1.36 9.47 11.13
N SER A 169 1.93 9.11 9.99
CA SER A 169 1.86 7.74 9.54
C SER A 169 3.22 7.30 9.06
N ILE A 170 3.43 5.98 9.03
CA ILE A 170 4.72 5.43 8.64
C ILE A 170 4.52 4.19 7.79
N SER A 171 5.31 4.09 6.72
CA SER A 171 5.27 2.87 5.92
C SER A 171 6.66 2.52 5.46
N ILE A 172 6.81 1.27 5.00
CA ILE A 172 8.09 0.74 4.63
C ILE A 172 7.94 0.15 3.25
N GLU A 173 8.97 0.34 2.41
CA GLU A 173 9.06 -0.35 1.14
C GLU A 173 10.44 -0.96 1.08
N SER A 174 10.57 -2.18 0.54
CA SER A 174 11.91 -2.76 0.50
C SER A 174 11.98 -3.82 -0.58
N GLU A 175 13.16 -4.05 -1.10
CA GLU A 175 13.30 -5.06 -2.14
C GLU A 175 14.60 -5.79 -1.86
N LYS A 176 14.61 -7.12 -1.82
CA LYS A 176 15.83 -7.85 -1.44
C LYS A 176 16.97 -7.42 -2.31
N ASP A 177 18.11 -7.24 -1.68
CA ASP A 177 19.35 -6.85 -2.32
C ASP A 177 19.36 -5.47 -2.91
N LYS A 178 18.25 -4.72 -2.89
CA LYS A 178 18.26 -3.43 -3.48
C LYS A 178 18.25 -2.37 -2.38
N GLY A 179 17.43 -2.55 -1.37
CA GLY A 179 17.42 -1.64 -0.22
C GLY A 179 16.06 -1.41 0.36
N THR A 180 15.97 -0.34 1.19
CA THR A 180 14.80 -0.14 2.01
C THR A 180 14.53 1.36 2.07
N LYS A 181 13.25 1.72 2.03
CA LYS A 181 12.86 3.11 2.16
C LYS A 181 11.74 3.14 3.19
N VAL A 182 11.96 3.95 4.26
CA VAL A 182 10.95 4.16 5.27
C VAL A 182 10.42 5.57 5.11
N THR A 183 9.09 5.70 5.07
CA THR A 183 8.48 7.01 4.80
C THR A 183 7.62 7.39 6.00
N ILE A 184 7.85 8.61 6.53
CA ILE A 184 7.06 9.14 7.62
C ILE A 184 6.33 10.37 7.09
N ARG A 185 5.03 10.45 7.31
CA ARG A 185 4.26 11.63 6.97
C ARG A 185 3.78 12.26 8.25
N LEU A 186 4.11 13.54 8.45
CA LEU A 186 3.65 14.29 9.59
C LEU A 186 2.77 15.43 9.12
N PRO A 187 1.80 15.87 9.91
CA PRO A 187 1.07 17.10 9.59
C PRO A 187 1.96 18.35 9.80
N LEU A 188 1.66 19.50 9.20
CA LEU A 188 2.45 20.70 9.56
C LEU A 188 2.10 21.25 10.96
N THR A 189 0.87 21.07 11.45
CA THR A 189 0.31 21.43 12.76
C THR A 189 0.91 22.70 13.34
N VAL B 5 -9.97 -25.17 -13.61
CA VAL B 5 -10.92 -24.85 -14.69
C VAL B 5 -10.56 -23.51 -15.30
N PRO B 6 -10.90 -23.23 -16.59
CA PRO B 6 -10.71 -21.86 -17.08
C PRO B 6 -11.72 -20.95 -16.42
N ILE B 7 -11.30 -19.69 -16.19
CA ILE B 7 -12.12 -18.75 -15.42
C ILE B 7 -13.29 -18.23 -16.27
N SER B 8 -13.20 -18.47 -17.57
CA SER B 8 -14.28 -18.24 -18.52
C SER B 8 -15.59 -18.82 -17.98
N PHE B 9 -15.53 -19.91 -17.21
CA PHE B 9 -16.74 -20.53 -16.67
C PHE B 9 -17.47 -19.58 -15.72
N VAL B 10 -16.71 -18.69 -15.10
CA VAL B 10 -17.23 -17.58 -14.32
C VAL B 10 -17.47 -16.36 -15.23
N PHE B 11 -16.48 -15.97 -16.02
CA PHE B 11 -16.53 -14.71 -16.76
C PHE B 11 -17.68 -14.70 -17.77
N ASN B 12 -18.03 -15.87 -18.32
CA ASN B 12 -19.06 -15.96 -19.36
C ASN B 12 -20.44 -15.54 -18.86
N ARG B 13 -20.64 -15.52 -17.55
CA ARG B 13 -21.93 -15.10 -17.00
C ARG B 13 -22.07 -13.58 -17.02
N PHE B 14 -20.96 -12.86 -17.09
CA PHE B 14 -20.98 -11.42 -16.80
C PHE B 14 -21.46 -10.53 -17.92
N PRO B 15 -21.22 -10.77 -19.22
CA PRO B 15 -21.73 -9.87 -20.23
C PRO B 15 -23.25 -9.66 -20.14
N ARG B 16 -24.00 -10.72 -19.81
CA ARG B 16 -25.42 -10.56 -19.61
C ARG B 16 -25.77 -9.71 -18.40
N MET B 17 -25.05 -9.93 -17.28
CA MET B 17 -25.30 -9.24 -16.02
C MET B 17 -24.99 -7.75 -16.22
N VAL B 18 -23.83 -7.49 -16.89
CA VAL B 18 -23.37 -6.13 -17.12
C VAL B 18 -24.30 -5.39 -18.05
N ARG B 19 -24.73 -6.04 -19.11
CA ARG B 19 -25.68 -5.43 -20.02
C ARG B 19 -27.03 -5.16 -19.36
N ASP B 20 -27.48 -6.08 -18.51
CA ASP B 20 -28.77 -5.91 -17.85
C ASP B 20 -28.69 -4.72 -16.90
N LEU B 21 -27.59 -4.61 -16.15
CA LEU B 21 -27.46 -3.55 -15.17
C LEU B 21 -27.31 -2.21 -15.86
N ALA B 22 -26.52 -2.18 -16.92
CA ALA B 22 -26.32 -0.95 -17.65
C ALA B 22 -27.66 -0.44 -18.18
N LYS B 23 -28.44 -1.31 -18.80
CA LYS B 23 -29.77 -0.98 -19.28
C LYS B 23 -30.62 -0.42 -18.15
N LYS B 24 -30.71 -1.10 -17.02
CA LYS B 24 -31.54 -0.67 -15.90
C LYS B 24 -31.16 0.75 -15.47
N MET B 25 -29.90 1.14 -15.64
CA MET B 25 -29.49 2.47 -15.19
C MET B 25 -29.35 3.45 -16.35
N ASN B 26 -29.64 3.02 -17.58
CA ASN B 26 -29.48 3.83 -18.77
C ASN B 26 -28.06 4.38 -18.87
N LYS B 27 -27.10 3.49 -18.61
CA LYS B 27 -25.70 3.79 -18.87
C LYS B 27 -25.22 3.00 -20.07
N GLU B 28 -24.23 3.58 -20.75
CA GLU B 28 -23.51 2.90 -21.79
C GLU B 28 -22.15 2.45 -21.22
N VAL B 29 -21.91 1.15 -21.32
CA VAL B 29 -20.68 0.55 -20.81
C VAL B 29 -20.06 -0.29 -21.90
N ASN B 30 -18.78 -0.07 -22.18
CA ASN B 30 -17.94 -0.92 -23.00
C ASN B 30 -17.30 -1.94 -22.06
N PHE B 31 -17.81 -3.18 -22.06
CA PHE B 31 -17.32 -4.17 -21.12
C PHE B 31 -16.36 -5.12 -21.82
N ILE B 32 -15.16 -5.16 -21.32
CA ILE B 32 -14.08 -5.96 -21.91
C ILE B 32 -13.65 -7.00 -20.90
N MET B 33 -13.49 -8.24 -21.39
CA MET B 33 -12.95 -9.32 -20.57
C MET B 33 -11.65 -9.81 -21.17
N ARG B 34 -10.64 -9.90 -20.31
CA ARG B 34 -9.35 -10.41 -20.75
C ARG B 34 -8.87 -11.55 -19.90
N GLY B 35 -8.02 -12.44 -20.44
CA GLY B 35 -7.48 -13.54 -19.66
C GLY B 35 -8.52 -14.60 -19.31
N GLU B 36 -9.58 -14.76 -20.09
CA GLU B 36 -10.66 -15.67 -19.72
C GLU B 36 -10.22 -17.13 -19.77
N ASP B 37 -9.09 -17.40 -20.42
CA ASP B 37 -8.56 -18.75 -20.49
C ASP B 37 -7.73 -19.10 -19.26
N THR B 38 -7.39 -18.11 -18.42
CA THR B 38 -6.65 -18.36 -17.20
C THR B 38 -7.29 -19.47 -16.38
N GLU B 39 -6.50 -20.46 -15.99
CA GLU B 39 -7.07 -21.58 -15.27
C GLU B 39 -6.89 -21.42 -13.78
N LEU B 40 -7.89 -21.82 -13.01
CA LEU B 40 -7.66 -21.90 -11.57
C LEU B 40 -8.50 -23.01 -10.98
N ASP B 41 -8.10 -23.37 -9.78
CA ASP B 41 -8.68 -24.50 -9.09
C ASP B 41 -10.20 -24.35 -9.02
N ARG B 42 -10.89 -25.48 -9.10
CA ARG B 42 -12.33 -25.50 -9.06
C ARG B 42 -12.92 -24.83 -7.85
N THR B 43 -12.25 -24.94 -6.71
CA THR B 43 -12.78 -24.29 -5.52
C THR B 43 -12.90 -22.79 -5.70
N PHE B 44 -11.92 -22.20 -6.36
CA PHE B 44 -12.00 -20.77 -6.58
C PHE B 44 -13.15 -20.45 -7.53
N VAL B 45 -13.21 -21.21 -8.62
CA VAL B 45 -14.18 -21.01 -9.68
C VAL B 45 -15.60 -21.02 -9.09
N GLU B 46 -15.87 -21.93 -8.16
CA GLU B 46 -17.21 -22.06 -7.63
C GLU B 46 -17.56 -20.86 -6.75
N GLU B 47 -16.56 -20.14 -6.23
CA GLU B 47 -16.78 -19.14 -5.19
C GLU B 47 -16.54 -17.70 -5.68
N ILE B 48 -15.71 -17.52 -6.70
CA ILE B 48 -15.24 -16.17 -7.07
C ILE B 48 -16.28 -15.32 -7.78
N GLY B 49 -17.32 -15.94 -8.35
CA GLY B 49 -18.30 -15.19 -9.12
C GLY B 49 -19.02 -14.13 -8.30
N GLU B 50 -19.45 -14.49 -7.11
CA GLU B 50 -20.23 -13.61 -6.27
C GLU B 50 -19.44 -12.33 -6.00
N PRO B 51 -18.19 -12.36 -5.48
CA PRO B 51 -17.49 -11.12 -5.22
C PRO B 51 -17.24 -10.33 -6.50
N LEU B 52 -16.89 -11.00 -7.60
CA LEU B 52 -16.69 -10.26 -8.84
C LEU B 52 -17.95 -9.59 -9.32
N LEU B 53 -19.10 -10.26 -9.20
CA LEU B 53 -20.33 -9.64 -9.66
C LEU B 53 -20.63 -8.38 -8.82
N HIS B 54 -20.35 -8.41 -7.52
CA HIS B 54 -20.46 -7.21 -6.69
C HIS B 54 -19.55 -6.09 -7.16
N LEU B 55 -18.28 -6.39 -7.54
CA LEU B 55 -17.38 -5.35 -8.00
C LEU B 55 -17.86 -4.76 -9.32
N LEU B 56 -18.39 -5.60 -10.20
CA LEU B 56 -18.85 -5.14 -11.50
C LEU B 56 -20.06 -4.23 -11.29
N ARG B 57 -20.98 -4.69 -10.45
CA ARG B 57 -22.13 -3.88 -10.11
C ARG B 57 -21.71 -2.54 -9.52
N ASN B 58 -20.79 -2.52 -8.58
CA ASN B 58 -20.33 -1.24 -8.07
C ASN B 58 -19.77 -0.36 -9.17
N ALA B 59 -19.00 -0.91 -10.10
CA ALA B 59 -18.46 -0.08 -11.17
C ALA B 59 -19.55 0.55 -12.01
N ILE B 60 -20.55 -0.23 -12.39
CA ILE B 60 -21.58 0.27 -13.28
C ILE B 60 -22.47 1.27 -12.54
N ASP B 61 -22.74 0.96 -11.27
CA ASP B 61 -23.64 1.79 -10.48
C ASP B 61 -22.93 3.05 -9.97
N HIS B 62 -21.88 2.88 -9.21
CA HIS B 62 -21.24 4.00 -8.53
C HIS B 62 -20.04 4.59 -9.28
N GLY B 63 -19.52 3.84 -10.23
CA GLY B 63 -18.30 4.29 -10.92
C GLY B 63 -18.60 5.04 -12.21
N ILE B 64 -19.00 4.27 -13.27
CA ILE B 64 -19.24 4.82 -14.58
C ILE B 64 -20.32 5.86 -14.42
N GLU B 65 -20.11 7.03 -15.04
CA GLU B 65 -21.03 8.13 -14.96
C GLU B 65 -21.94 8.04 -16.16
N PRO B 66 -23.11 8.69 -16.10
CA PRO B 66 -23.94 8.82 -17.28
C PRO B 66 -23.20 9.49 -18.42
N LYS B 67 -23.46 9.03 -19.64
CA LYS B 67 -22.83 9.60 -20.82
C LYS B 67 -22.82 11.13 -20.78
N GLU B 68 -23.95 11.76 -20.36
CA GLU B 68 -24.02 13.21 -20.40
C GLU B 68 -23.00 13.81 -19.45
N GLU B 69 -22.84 13.17 -18.28
CA GLU B 69 -21.93 13.61 -17.23
C GLU B 69 -20.49 13.46 -17.68
N ARG B 70 -20.17 12.33 -18.33
CA ARG B 70 -18.84 12.08 -18.88
C ARG B 70 -18.51 13.14 -19.91
N ILE B 71 -19.44 13.43 -20.83
CA ILE B 71 -19.21 14.46 -21.84
C ILE B 71 -18.99 15.78 -21.10
N ALA B 72 -19.84 16.05 -20.10
CA ALA B 72 -19.74 17.34 -19.41
C ALA B 72 -18.39 17.48 -18.71
N LYS B 73 -17.80 16.37 -18.30
CA LYS B 73 -16.49 16.34 -17.66
C LYS B 73 -15.37 16.19 -18.69
N GLY B 74 -15.72 16.11 -19.96
CA GLY B 74 -14.73 15.98 -21.01
C GLY B 74 -14.05 14.63 -21.05
N LYS B 75 -14.78 13.57 -20.65
CA LYS B 75 -14.34 12.20 -20.84
C LYS B 75 -14.95 11.58 -22.11
N PRO B 76 -14.36 10.49 -22.61
CA PRO B 76 -14.95 9.61 -23.63
C PRO B 76 -16.37 9.25 -23.24
N PRO B 77 -17.38 9.42 -24.11
CA PRO B 77 -18.78 9.36 -23.65
C PRO B 77 -19.14 8.01 -23.07
N ILE B 78 -18.60 6.93 -23.61
CA ILE B 78 -18.93 5.61 -23.13
C ILE B 78 -17.93 5.24 -22.04
N GLY B 79 -18.39 4.71 -20.91
CA GLY B 79 -17.49 4.25 -19.87
C GLY B 79 -16.96 2.86 -20.16
N THR B 80 -15.77 2.54 -19.68
CA THR B 80 -15.19 1.23 -19.91
C THR B 80 -15.02 0.50 -18.61
N LEU B 81 -15.34 -0.79 -18.65
CA LEU B 81 -15.23 -1.71 -17.56
C LEU B 81 -14.39 -2.85 -18.08
N ILE B 82 -13.26 -3.12 -17.41
CA ILE B 82 -12.40 -4.21 -17.88
C ILE B 82 -12.24 -5.19 -16.73
N LEU B 83 -12.50 -6.44 -17.05
CA LEU B 83 -12.33 -7.53 -16.12
C LEU B 83 -11.24 -8.41 -16.72
N SER B 84 -10.19 -8.66 -15.96
CA SER B 84 -9.04 -9.36 -16.50
C SER B 84 -8.54 -10.35 -15.44
N ALA B 85 -7.98 -11.47 -15.93
CA ALA B 85 -7.30 -12.46 -15.08
C ALA B 85 -5.98 -12.81 -15.71
N ARG B 86 -4.95 -13.08 -14.88
CA ARG B 86 -3.66 -13.45 -15.36
C ARG B 86 -2.98 -14.21 -14.24
N HIS B 87 -1.96 -14.97 -14.62
CA HIS B 87 -1.07 -15.60 -13.67
C HIS B 87 0.04 -14.60 -13.35
N GLU B 88 0.38 -14.47 -12.08
CA GLU B 88 1.53 -13.74 -11.62
C GLU B 88 2.26 -14.60 -10.59
N GLY B 89 3.35 -15.25 -11.03
CA GLY B 89 4.06 -16.12 -10.11
C GLY B 89 3.16 -17.31 -9.80
N ASN B 90 2.91 -17.57 -8.52
CA ASN B 90 2.08 -18.71 -8.16
C ASN B 90 0.61 -18.29 -8.08
N ASN B 91 0.39 -16.95 -8.07
CA ASN B 91 -0.92 -16.34 -7.79
C ASN B 91 -1.73 -16.14 -9.08
N VAL B 92 -3.06 -16.15 -8.94
CA VAL B 92 -3.87 -15.64 -10.05
C VAL B 92 -4.35 -14.28 -9.62
N VAL B 93 -4.23 -13.33 -10.51
CA VAL B 93 -4.61 -11.96 -10.22
C VAL B 93 -5.79 -11.57 -11.09
N ILE B 94 -6.83 -11.08 -10.45
CA ILE B 94 -8.04 -10.71 -11.15
C ILE B 94 -8.28 -9.23 -10.86
N GLU B 95 -8.49 -8.46 -11.91
CA GLU B 95 -8.65 -7.02 -11.81
C GLU B 95 -10.00 -6.61 -12.36
N VAL B 96 -10.70 -5.70 -11.65
CA VAL B 96 -11.91 -5.09 -12.17
C VAL B 96 -11.62 -3.60 -12.22
N GLU B 97 -11.51 -3.04 -13.42
CA GLU B 97 -11.11 -1.65 -13.56
C GLU B 97 -12.19 -0.89 -14.33
N ASP B 98 -12.54 0.28 -13.86
CA ASP B 98 -13.43 1.17 -14.61
C ASP B 98 -12.78 2.56 -14.75
N ASP B 99 -13.26 3.33 -15.71
CA ASP B 99 -12.78 4.69 -15.92
C ASP B 99 -13.87 5.70 -15.52
N GLY B 100 -14.58 5.39 -14.45
CA GLY B 100 -15.63 6.22 -13.88
C GLY B 100 -15.10 7.28 -12.93
N ARG B 101 -16.02 7.68 -12.03
CA ARG B 101 -15.83 8.85 -11.21
C ARG B 101 -14.84 8.60 -10.09
N GLY B 102 -14.57 7.33 -9.78
CA GLY B 102 -13.63 7.03 -8.74
C GLY B 102 -14.33 7.06 -7.37
N ILE B 103 -13.58 6.69 -6.35
CA ILE B 103 -14.09 6.70 -5.00
C ILE B 103 -13.76 8.03 -4.37
N ASP B 104 -14.74 8.63 -3.67
CA ASP B 104 -14.54 9.92 -3.04
C ASP B 104 -13.83 9.71 -1.71
N LYS B 105 -12.52 10.00 -1.67
CA LYS B 105 -11.73 9.73 -0.49
C LYS B 105 -12.08 10.70 0.65
N GLU B 106 -12.45 11.92 0.25
CA GLU B 106 -12.89 12.85 1.28
C GLU B 106 -14.17 12.37 1.92
N LYS B 107 -15.08 11.79 1.13
CA LYS B 107 -16.32 11.29 1.67
C LYS B 107 -16.01 10.16 2.63
N ILE B 108 -15.07 9.29 2.27
CA ILE B 108 -14.67 8.20 3.19
C ILE B 108 -14.19 8.73 4.53
N ILE B 109 -13.25 9.70 4.47
CA ILE B 109 -12.72 10.30 5.68
C ILE B 109 -13.82 10.92 6.53
N ARG B 110 -14.74 11.72 5.94
CA ARG B 110 -15.82 12.32 6.73
C ARG B 110 -16.69 11.23 7.39
N LYS B 111 -16.91 10.15 6.67
CA LYS B 111 -17.72 9.06 7.24
C LYS B 111 -16.99 8.40 8.41
N ALA B 112 -15.70 8.14 8.19
CA ALA B 112 -14.89 7.51 9.23
C ALA B 112 -14.88 8.36 10.48
N ILE B 113 -14.82 9.70 10.34
CA ILE B 113 -14.82 10.54 11.51
C ILE B 113 -16.20 10.45 12.15
N GLU B 114 -17.25 10.50 11.34
CA GLU B 114 -18.61 10.47 11.83
C GLU B 114 -18.83 9.19 12.63
N LYS B 115 -18.19 8.13 12.20
CA LYS B 115 -18.37 6.81 12.83
C LYS B 115 -17.40 6.58 13.98
N GLY B 116 -16.56 7.57 14.28
CA GLY B 116 -15.63 7.52 15.34
C GLY B 116 -14.45 6.59 15.05
N LEU B 117 -14.23 6.22 13.80
CA LEU B 117 -13.16 5.29 13.44
C LEU B 117 -11.81 5.96 13.39
N ILE B 118 -11.76 7.27 13.19
CA ILE B 118 -10.54 8.06 13.33
C ILE B 118 -10.93 9.44 13.80
N ASP B 119 -10.01 10.23 14.39
CA ASP B 119 -10.29 11.66 14.66
C ASP B 119 -9.76 12.52 13.54
N GLU B 120 -10.16 13.79 13.44
CA GLU B 120 -9.68 14.65 12.37
C GLU B 120 -8.16 14.70 12.37
N SER B 121 -7.60 14.63 13.59
CA SER B 121 -6.17 14.91 13.74
C SER B 121 -5.35 13.86 12.98
N LYS B 122 -5.89 12.65 12.85
CA LYS B 122 -5.17 11.57 12.18
C LYS B 122 -5.49 11.46 10.70
N ALA B 123 -6.57 12.09 10.25
CA ALA B 123 -7.00 11.98 8.87
C ALA B 123 -5.98 12.57 7.91
N ALA B 124 -5.31 13.67 8.29
CA ALA B 124 -4.42 14.41 7.39
C ALA B 124 -3.29 13.56 6.86
N THR B 125 -2.80 12.60 7.62
CA THR B 125 -1.63 11.83 7.18
C THR B 125 -1.97 10.38 6.78
N LEU B 126 -3.25 10.00 6.70
CA LEU B 126 -3.59 8.67 6.25
C LEU B 126 -3.04 8.43 4.85
N SER B 127 -2.55 7.21 4.61
CA SER B 127 -2.19 6.85 3.25
C SER B 127 -3.45 6.65 2.39
N ASP B 128 -3.28 6.63 1.06
CA ASP B 128 -4.44 6.35 0.21
C ASP B 128 -4.98 4.95 0.50
N GLN B 129 -4.12 3.98 0.71
CA GLN B 129 -4.56 2.62 1.00
C GLN B 129 -5.30 2.55 2.32
N GLU B 130 -4.80 3.27 3.35
CA GLU B 130 -5.48 3.32 4.62
C GLU B 130 -6.88 3.90 4.47
N ILE B 131 -7.00 4.96 3.67
CA ILE B 131 -8.32 5.55 3.42
C ILE B 131 -9.23 4.53 2.76
N LEU B 132 -8.77 3.94 1.65
CA LEU B 132 -9.64 3.09 0.85
C LEU B 132 -10.01 1.84 1.60
N ASN B 133 -9.14 1.44 2.49
CA ASN B 133 -9.39 0.23 3.28
C ASN B 133 -10.51 0.39 4.30
N PHE B 134 -10.91 1.63 4.61
CA PHE B 134 -12.11 1.80 5.41
C PHE B 134 -13.31 1.17 4.71
N LEU B 135 -13.29 1.09 3.37
CA LEU B 135 -14.46 0.56 2.65
C LEU B 135 -14.69 -0.91 3.00
N PHE B 136 -13.68 -1.56 3.54
CA PHE B 136 -13.79 -2.94 3.93
C PHE B 136 -14.28 -3.10 5.36
N VAL B 137 -14.39 -2.00 6.12
CA VAL B 137 -14.95 -2.09 7.47
C VAL B 137 -16.42 -2.49 7.38
N PRO B 138 -16.87 -3.54 8.11
CA PRO B 138 -18.27 -3.93 7.99
C PRO B 138 -19.24 -2.81 8.32
N GLY B 139 -20.22 -2.62 7.46
CA GLY B 139 -21.22 -1.62 7.69
C GLY B 139 -20.72 -0.23 7.35
N PHE B 140 -19.56 -0.13 6.68
CA PHE B 140 -19.06 1.22 6.42
C PHE B 140 -19.97 1.96 5.45
N SER B 141 -20.42 1.29 4.39
CA SER B 141 -21.27 1.95 3.40
C SER B 141 -22.71 2.15 3.91
N GLY B 155 -21.88 -5.79 0.51
CA GLY B 155 -20.86 -4.76 0.83
C GLY B 155 -19.43 -5.15 0.45
N MET B 156 -18.53 -4.16 0.40
CA MET B 156 -17.10 -4.40 0.19
C MET B 156 -16.53 -5.34 1.25
N ASP B 157 -17.07 -5.30 2.48
CA ASP B 157 -16.65 -6.23 3.51
C ASP B 157 -16.96 -7.66 3.08
N VAL B 158 -18.13 -7.87 2.45
CA VAL B 158 -18.57 -9.21 2.05
C VAL B 158 -17.69 -9.73 0.92
N VAL B 159 -17.33 -8.83 0.03
CA VAL B 159 -16.39 -9.15 -1.03
C VAL B 159 -15.07 -9.66 -0.41
N LYS B 160 -14.54 -8.88 0.53
CA LYS B 160 -13.28 -9.28 1.14
C LYS B 160 -13.47 -10.57 1.92
N ASN B 161 -14.64 -10.79 2.56
CA ASN B 161 -14.85 -12.03 3.30
C ASN B 161 -14.69 -13.26 2.41
N VAL B 162 -15.29 -13.22 1.23
CA VAL B 162 -15.17 -14.33 0.30
C VAL B 162 -13.72 -14.48 -0.17
N VAL B 163 -13.10 -13.36 -0.55
CA VAL B 163 -11.71 -13.48 -0.99
C VAL B 163 -10.85 -14.13 0.11
N GLU B 164 -11.02 -13.66 1.34
CA GLU B 164 -10.22 -14.19 2.42
C GLU B 164 -10.57 -15.63 2.75
N SER B 165 -11.82 -16.07 2.50
CA SER B 165 -12.16 -17.48 2.65
C SER B 165 -11.38 -18.33 1.64
N LEU B 166 -10.94 -17.69 0.55
CA LEU B 166 -10.20 -18.37 -0.48
C LEU B 166 -8.69 -18.20 -0.27
N ASN B 167 -8.31 -17.66 0.88
CA ASN B 167 -6.93 -17.34 1.19
C ASN B 167 -6.35 -16.30 0.24
N GLY B 168 -7.20 -15.45 -0.29
CA GLY B 168 -6.80 -14.38 -1.19
C GLY B 168 -6.65 -13.04 -0.50
N SER B 169 -6.25 -12.04 -1.26
CA SER B 169 -6.18 -10.69 -0.75
C SER B 169 -6.86 -9.79 -1.76
N ILE B 170 -7.24 -8.59 -1.30
CA ILE B 170 -7.90 -7.66 -2.19
C ILE B 170 -7.42 -6.26 -1.88
N SER B 171 -7.23 -5.46 -2.93
CA SER B 171 -6.78 -4.08 -2.74
C SER B 171 -7.48 -3.21 -3.75
N ILE B 172 -7.58 -1.93 -3.40
CA ILE B 172 -8.32 -0.99 -4.22
C ILE B 172 -7.36 0.16 -4.52
N GLU B 173 -7.39 0.64 -5.77
CA GLU B 173 -6.76 1.86 -6.16
C GLU B 173 -7.81 2.73 -6.82
N SER B 174 -7.83 4.01 -6.54
CA SER B 174 -8.87 4.86 -7.11
C SER B 174 -8.44 6.32 -7.01
N GLU B 175 -8.82 7.10 -8.00
CA GLU B 175 -8.48 8.50 -8.00
C GLU B 175 -9.75 9.19 -8.50
N LYS B 176 -10.14 10.28 -7.82
CA LYS B 176 -11.23 11.13 -8.26
C LYS B 176 -11.17 11.36 -9.76
N ASP B 177 -12.29 11.06 -10.44
CA ASP B 177 -12.48 11.30 -11.86
C ASP B 177 -11.67 10.41 -12.80
N LYS B 178 -10.76 9.55 -12.31
CA LYS B 178 -10.02 8.68 -13.22
C LYS B 178 -10.70 7.32 -13.29
N GLY B 179 -11.09 6.80 -12.11
CA GLY B 179 -11.70 5.50 -12.01
C GLY B 179 -11.15 4.70 -10.86
N THR B 180 -11.46 3.39 -10.91
CA THR B 180 -11.21 2.51 -9.79
C THR B 180 -10.68 1.18 -10.33
N LYS B 181 -9.65 0.66 -9.67
CA LYS B 181 -9.19 -0.69 -9.97
C LYS B 181 -9.18 -1.48 -8.67
N VAL B 182 -9.92 -2.59 -8.68
CA VAL B 182 -9.90 -3.51 -7.56
C VAL B 182 -9.13 -4.73 -8.03
N THR B 183 -8.18 -5.19 -7.19
CA THR B 183 -7.31 -6.30 -7.55
C THR B 183 -7.44 -7.40 -6.51
N ILE B 184 -7.74 -8.63 -6.99
CA ILE B 184 -7.87 -9.79 -6.17
C ILE B 184 -6.74 -10.73 -6.54
N ARG B 185 -6.01 -11.20 -5.51
CA ARG B 185 -4.94 -12.15 -5.67
C ARG B 185 -5.37 -13.42 -4.98
N LEU B 186 -5.27 -14.51 -5.73
CA LEU B 186 -5.62 -15.82 -5.22
C LEU B 186 -4.41 -16.73 -5.24
N PRO B 187 -4.29 -17.67 -4.29
CA PRO B 187 -3.20 -18.65 -4.32
C PRO B 187 -3.52 -19.73 -5.33
N LEU B 188 -2.56 -20.62 -5.59
CA LEU B 188 -2.74 -21.68 -6.56
C LEU B 188 -3.70 -22.78 -6.06
N THR B 189 -3.71 -23.10 -4.75
CA THR B 189 -4.57 -24.12 -4.14
C THR B 189 -5.15 -23.61 -2.81
C4 WZF C . 16.74 -5.96 7.82
C14 WZF C . 14.14 -3.97 13.40
C5 WZF C . 16.05 -6.30 8.97
C6 WZF C . 15.40 -5.31 9.74
C11 WZF C . 14.96 -3.84 16.04
C7 WZF C . 15.38 -6.39 11.90
C8 WZF C . 16.15 -5.40 12.76
C9 WZF C . 15.32 -4.62 13.77
C10 WZF C . 15.72 -4.53 15.11
C12 WZF C . 13.79 -3.23 15.65
C13 WZF C . 13.40 -3.28 14.34
N1 WZF C . 17.10 -0.62 6.46
N2 WZF C . 17.55 -2.85 5.95
C3 WZF C . 16.83 -4.61 7.41
N3 WZF C . 16.25 -2.26 7.89
C1 WZF C . 16.97 -1.94 6.77
C2 WZF C . 17.52 -4.15 6.27
O1 WZF C . 14.68 -5.66 10.87
C15 WZF C . 15.50 -3.98 9.37
C16 WZF C . 16.20 -3.61 8.20
H4 WZF C . 17.15 -6.64 7.31
H14 WZF C . 13.85 -4.01 12.51
H5 WZF C . 15.97 -7.21 9.21
H11 WZF C . 15.23 -3.79 16.94
H7 WZF C . 14.72 -6.88 12.45
H6 WZF C . 16.00 -7.05 11.50
H9 WZF C . 16.85 -5.88 13.24
H8 WZF C . 16.58 -4.75 12.17
H10 WZF C . 16.51 -4.97 15.39
H12 WZF C . 13.28 -2.74 16.28
H13 WZF C . 12.61 -2.86 14.07
H2 WZF C . 16.73 -0.02 6.98
H1 WZF C . 17.54 -0.39 5.75
H3 WZF C . 17.94 -4.76 5.72
H15 WZF C . 15.07 -3.33 9.87
C4 WZF D . -17.66 4.69 -5.29
C14 WZF D . -20.37 -1.12 -0.21
C5 WZF D . -18.04 4.24 -4.06
C6 WZF D . -17.91 2.87 -3.70
C11 WZF D . -21.91 -1.75 -2.43
C7 WZF D . -19.38 1.75 -2.07
C8 WZF D . -18.90 0.41 -1.56
C9 WZF D . -20.04 -0.55 -1.43
C10 WZF D . -20.83 -0.87 -2.54
C12 WZF D . -22.21 -2.31 -1.21
C13 WZF D . -21.45 -1.98 -0.10
N1 WZF D . -16.00 1.02 -8.89
N2 WZF D . -16.35 3.25 -8.40
C3 WZF D . -17.21 3.79 -6.27
N3 WZF D . -16.66 1.44 -6.77
C1 WZF D . -16.37 1.94 -8.02
C2 WZF D . -16.84 4.16 -7.58
O1 WZF D . -18.22 2.54 -2.40
C15 WZF D . -17.45 1.95 -4.59
C16 WZF D . -17.09 2.39 -5.89
H4 WZF D . -17.78 5.61 -5.50
H14 WZF D . -19.86 -0.91 0.56
H5 WZF D . -18.33 4.85 -3.40
H11 WZF D . -22.42 -1.97 -3.19
H7 WZF D . -19.91 2.21 -1.37
H6 WZF D . -19.95 1.64 -2.87
H9 WZF D . -18.22 0.06 -2.19
H8 WZF D . -18.47 0.54 -0.69
H10 WZF D . -20.62 -0.49 -3.38
H12 WZF D . -22.94 -2.91 -1.13
H13 WZF D . -21.66 -2.36 0.73
H2 WZF D . -16.01 0.17 -8.66
H1 WZF D . -15.74 1.28 -9.69
H3 WZF D . -16.88 5.07 -7.84
H15 WZF D . -17.36 1.05 -4.37
#